data_3D2Q
#
_entry.id   3D2Q
#
_cell.length_a   29.166
_cell.length_b   80.459
_cell.length_c   55.357
_cell.angle_alpha   90.00
_cell.angle_beta   101.76
_cell.angle_gamma   90.00
#
_symmetry.space_group_name_H-M   'P 1 21 1'
#
loop_
_entity.id
_entity.type
_entity.pdbx_description
1 polymer 'Muscleblind-like protein 1'
2 non-polymer 'ZINC ION'
3 water water
#
_entity_poly.entity_id   1
_entity_poly.type   'polypeptide(L)'
_entity_poly.pdbx_seq_one_letter_code
;SRTDRLEVCREYQRGNCNRGENDCRFAHPADSTMIDTNDNTVTVCMDYIKGRCSREKCKYFHPPAHLQAK
;
_entity_poly.pdbx_strand_id   A,B,C,D
#
loop_
_chem_comp.id
_chem_comp.type
_chem_comp.name
_chem_comp.formula
ZN non-polymer 'ZINC ION' 'Zn 2'
#
# COMPACT_ATOMS: atom_id res chain seq x y z
N ASP A 4 16.17 9.94 9.71
CA ASP A 4 16.29 8.46 9.85
C ASP A 4 16.26 7.75 8.48
N ARG A 5 17.24 6.88 8.26
CA ARG A 5 17.39 6.17 6.97
C ARG A 5 17.59 4.70 7.29
N LEU A 6 16.54 3.90 7.08
CA LEU A 6 16.57 2.50 7.48
C LEU A 6 16.95 1.56 6.35
N GLU A 7 17.79 0.58 6.68
CA GLU A 7 18.18 -0.47 5.72
C GLU A 7 17.00 -1.36 5.40
N VAL A 8 16.76 -1.58 4.12
CA VAL A 8 15.64 -2.39 3.67
C VAL A 8 16.06 -3.84 3.72
N CYS A 9 15.09 -4.69 4.03
CA CYS A 9 15.33 -6.14 4.08
C CYS A 9 15.50 -6.74 2.69
N ARG A 10 16.73 -7.17 2.39
CA ARG A 10 17.02 -7.71 1.08
C ARG A 10 16.29 -9.03 0.83
N GLU A 11 16.10 -9.81 1.90
CA GLU A 11 15.34 -11.04 1.74
C GLU A 11 13.88 -10.74 1.35
N TYR A 12 13.26 -9.77 2.04
CA TYR A 12 11.92 -9.32 1.64
C TYR A 12 11.84 -8.91 0.17
N GLN A 13 12.85 -8.15 -0.28
CA GLN A 13 12.84 -7.63 -1.63
C GLN A 13 12.91 -8.74 -2.67
N ARG A 14 13.50 -9.87 -2.30
CA ARG A 14 13.60 -11.01 -3.22
C ARG A 14 12.64 -12.15 -2.88
N GLY A 15 11.65 -11.88 -2.02
CA GLY A 15 10.57 -12.82 -1.75
C GLY A 15 10.96 -13.97 -0.84
N ASN A 16 11.88 -13.72 0.08
CA ASN A 16 12.57 -14.78 0.81
C ASN A 16 12.80 -14.46 2.30
N CYS A 17 12.03 -13.53 2.89
CA CYS A 17 12.23 -13.24 4.33
C CYS A 17 11.45 -14.22 5.19
N ASN A 18 12.14 -15.17 5.79
CA ASN A 18 11.45 -16.16 6.63
C ASN A 18 11.12 -15.66 8.03
N ARG A 19 11.71 -14.55 8.43
CA ARG A 19 11.34 -13.96 9.71
C ARG A 19 9.95 -13.36 9.65
N GLY A 20 9.63 -12.74 8.52
CA GLY A 20 8.36 -12.01 8.35
C GLY A 20 8.48 -10.61 8.94
N GLU A 21 7.56 -9.75 8.52
CA GLU A 21 7.63 -8.33 8.87
C GLU A 21 7.61 -8.04 10.37
N ASN A 22 6.80 -8.78 11.11
CA ASN A 22 6.65 -8.51 12.53
C ASN A 22 7.93 -8.69 13.36
N ASP A 23 8.69 -9.72 13.03
CA ASP A 23 9.93 -10.03 13.71
C ASP A 23 11.13 -9.33 13.10
N CYS A 24 11.11 -9.18 11.78
CA CYS A 24 12.30 -8.70 11.08
C CYS A 24 12.70 -7.30 11.49
N ARG A 25 13.99 -7.14 11.77
CA ARG A 25 14.49 -5.83 12.21
C ARG A 25 14.93 -4.93 11.04
N PHE A 26 14.70 -5.38 9.82
CA PHE A 26 14.94 -4.57 8.61
C PHE A 26 13.63 -4.16 7.98
N ALA A 27 13.65 -3.10 7.18
CA ALA A 27 12.39 -2.55 6.69
C ALA A 27 11.77 -3.37 5.57
N HIS A 28 10.44 -3.51 5.62
CA HIS A 28 9.67 -4.16 4.58
C HIS A 28 8.75 -3.09 3.95
N PRO A 29 9.31 -2.20 3.14
CA PRO A 29 8.49 -1.10 2.62
C PRO A 29 7.47 -1.51 1.55
N ALA A 30 6.40 -0.73 1.47
CA ALA A 30 5.43 -0.87 0.38
C ALA A 30 6.06 -0.51 -0.97
N ASP A 31 5.45 -1.01 -2.04
CA ASP A 31 5.98 -0.76 -3.39
C ASP A 31 5.87 0.74 -3.75
N SER A 32 4.96 1.45 -3.08
CA SER A 32 4.73 2.88 -3.33
C SER A 32 5.56 3.80 -2.42
N THR A 33 6.38 3.20 -1.56
CA THR A 33 7.18 3.98 -0.59
C THR A 33 8.52 4.44 -1.18
N MET A 34 8.91 5.67 -0.84
CA MET A 34 10.16 6.25 -1.35
C MET A 34 11.36 5.44 -0.87
N ILE A 35 12.17 4.96 -1.82
CA ILE A 35 13.35 4.17 -1.47
C ILE A 35 14.54 4.76 -2.23
N ASP A 36 15.70 4.82 -1.58
CA ASP A 36 16.91 5.31 -2.24
C ASP A 36 17.68 4.12 -2.77
N THR A 37 17.72 3.97 -4.10
CA THR A 37 18.33 2.80 -4.72
C THR A 37 19.87 2.86 -4.67
N ASN A 38 20.42 4.01 -4.33
CA ASN A 38 21.89 4.12 -4.20
C ASN A 38 22.40 3.29 -3.04
N ASP A 39 21.60 3.23 -1.96
CA ASP A 39 22.05 2.51 -0.77
C ASP A 39 21.00 1.58 -0.16
N ASN A 40 19.89 1.40 -0.86
CA ASN A 40 18.81 0.50 -0.40
C ASN A 40 18.26 0.85 0.97
N THR A 41 18.00 2.14 1.19
CA THR A 41 17.40 2.59 2.43
C THR A 41 16.08 3.31 2.19
N VAL A 42 15.27 3.35 3.23
CA VAL A 42 14.04 4.15 3.23
C VAL A 42 14.15 5.26 4.26
N THR A 43 13.87 6.49 3.83
CA THR A 43 13.87 7.64 4.73
C THR A 43 12.56 7.64 5.51
N VAL A 44 12.66 7.86 6.81
CA VAL A 44 11.51 7.68 7.71
C VAL A 44 10.63 8.92 7.73
N CYS A 45 9.32 8.69 7.82
CA CYS A 45 8.36 9.75 8.11
C CYS A 45 8.54 10.16 9.58
N MET A 46 9.11 11.34 9.83
CA MET A 46 9.30 11.82 11.19
C MET A 46 7.99 12.12 11.90
N ASP A 47 6.96 12.52 11.14
CA ASP A 47 5.64 12.78 11.76
C ASP A 47 5.11 11.50 12.38
N TYR A 48 5.27 10.38 11.67
CA TYR A 48 4.74 9.11 12.16
C TYR A 48 5.34 8.72 13.52
N ILE A 49 6.63 8.98 13.69
CA ILE A 49 7.33 8.66 14.93
C ILE A 49 6.60 9.31 16.10
N LYS A 50 6.04 10.48 15.85
CA LYS A 50 5.36 11.26 16.88
C LYS A 50 3.85 11.12 16.88
N GLY A 51 3.32 10.23 16.03
CA GLY A 51 1.88 9.98 15.98
C GLY A 51 1.16 11.12 15.29
N ARG A 52 1.88 11.87 14.48
CA ARG A 52 1.33 13.08 13.85
C ARG A 52 1.22 13.04 12.33
N CYS A 53 1.32 11.86 11.73
CA CYS A 53 1.16 11.78 10.28
C CYS A 53 -0.29 11.54 9.90
N SER A 54 -0.97 12.57 9.40
CA SER A 54 -2.36 12.39 9.00
C SER A 54 -2.59 12.38 7.47
N ARG A 55 -1.50 12.42 6.71
CA ARG A 55 -1.59 12.41 5.23
C ARG A 55 -2.33 11.16 4.75
N GLU A 56 -3.33 11.35 3.90
CA GLU A 56 -4.09 10.22 3.36
C GLU A 56 -3.21 9.17 2.66
N LYS A 57 -2.22 9.64 1.91
CA LYS A 57 -1.25 8.76 1.24
C LYS A 57 0.17 9.25 1.43
N CYS A 58 0.78 8.82 2.51
CA CYS A 58 2.15 9.23 2.80
C CYS A 58 3.10 8.34 2.04
N LYS A 59 4.08 8.92 1.37
CA LYS A 59 4.99 8.06 0.62
C LYS A 59 6.28 7.76 1.36
N TYR A 60 6.34 8.15 2.63
CA TYR A 60 7.52 7.87 3.46
C TYR A 60 7.26 6.78 4.46
N PHE A 61 8.30 5.98 4.69
CA PHE A 61 8.18 4.75 5.49
C PHE A 61 7.69 5.06 6.87
N HIS A 62 6.67 4.31 7.29
CA HIS A 62 6.16 4.36 8.65
C HIS A 62 6.70 3.18 9.46
N PRO A 63 7.80 3.37 10.21
CA PRO A 63 8.39 2.18 10.85
C PRO A 63 7.54 1.65 12.01
N PRO A 64 7.30 0.34 12.01
CA PRO A 64 6.58 -0.24 13.16
C PRO A 64 7.34 -0.07 14.48
N ALA A 65 6.62 -0.24 15.58
CA ALA A 65 7.19 -0.12 16.91
C ALA A 65 8.48 -0.93 17.09
N HIS A 66 8.51 -2.17 16.58
CA HIS A 66 9.69 -3.02 16.81
C HIS A 66 10.92 -2.54 16.05
N LEU A 67 10.72 -1.72 15.01
CA LEU A 67 11.87 -1.14 14.31
C LEU A 67 12.37 0.11 15.00
N GLN A 68 11.45 0.84 15.64
CA GLN A 68 11.84 2.07 16.35
C GLN A 68 12.52 1.79 17.67
N ALA A 69 12.19 0.64 18.26
CA ALA A 69 12.82 0.18 19.50
C ALA A 69 14.35 0.28 19.45
N ARG B 2 -7.15 9.30 8.37
CA ARG B 2 -6.53 8.01 7.99
C ARG B 2 -7.18 6.86 8.73
N THR B 3 -7.04 5.67 8.17
CA THR B 3 -7.60 4.48 8.75
C THR B 3 -6.88 4.11 10.06
N ASP B 4 -5.62 4.51 10.20
CA ASP B 4 -4.85 4.14 11.39
C ASP B 4 -4.88 5.19 12.49
N ARG B 5 -5.82 6.13 12.42
CA ARG B 5 -5.91 7.20 13.41
C ARG B 5 -7.34 7.19 13.96
N LEU B 6 -7.47 6.89 15.25
CA LEU B 6 -8.78 6.68 15.86
C LEU B 6 -9.13 7.75 16.88
N GLU B 7 -10.40 8.17 16.87
CA GLU B 7 -10.90 9.17 17.80
C GLU B 7 -10.85 8.68 19.25
N VAL B 8 -10.31 9.52 20.14
CA VAL B 8 -10.25 9.25 21.58
C VAL B 8 -11.61 9.54 22.25
N CYS B 9 -11.99 8.67 23.18
CA CYS B 9 -13.18 8.89 24.01
C CYS B 9 -12.97 10.12 24.90
N ARG B 10 -13.65 11.21 24.58
CA ARG B 10 -13.50 12.45 25.33
C ARG B 10 -14.00 12.29 26.76
N GLU B 11 -15.03 11.48 26.94
CA GLU B 11 -15.56 11.25 28.26
C GLU B 11 -14.55 10.48 29.14
N TYR B 12 -13.90 9.48 28.56
CA TYR B 12 -12.83 8.76 29.28
C TYR B 12 -11.71 9.70 29.74
N GLN B 13 -11.35 10.66 28.87
CA GLN B 13 -10.26 11.59 29.17
C GLN B 13 -10.55 12.45 30.42
N ARG B 14 -11.83 12.63 30.72
CA ARG B 14 -12.23 13.38 31.92
C ARG B 14 -12.83 12.49 33.03
N GLY B 15 -12.65 11.18 32.91
CA GLY B 15 -13.02 10.23 33.96
C GLY B 15 -14.52 10.03 34.02
N ASN B 16 -15.18 10.26 32.89
CA ASN B 16 -16.65 10.17 32.85
C ASN B 16 -17.24 9.22 31.79
N CYS B 17 -16.51 8.17 31.43
CA CYS B 17 -17.07 7.22 30.46
C CYS B 17 -17.87 6.08 31.13
N ASN B 18 -17.17 5.35 32.00
CA ASN B 18 -17.75 4.25 32.78
C ASN B 18 -18.29 3.13 31.87
N ARG B 19 -17.54 2.85 30.81
CA ARG B 19 -17.80 1.69 29.95
C ARG B 19 -16.49 0.91 29.87
N GLY B 20 -16.56 -0.41 29.75
CA GLY B 20 -15.34 -1.17 29.51
C GLY B 20 -14.77 -0.80 28.15
N GLU B 21 -13.49 -1.10 27.93
CA GLU B 21 -12.90 -0.89 26.61
C GLU B 21 -13.64 -1.67 25.50
N ASN B 22 -14.24 -2.84 25.83
CA ASN B 22 -14.98 -3.64 24.84
C ASN B 22 -16.35 -3.06 24.53
N ASP B 23 -16.83 -2.19 25.43
CA ASP B 23 -18.16 -1.62 25.30
C ASP B 23 -18.10 -0.22 24.67
N CYS B 24 -17.11 0.58 25.06
CA CYS B 24 -17.00 1.90 24.46
C CYS B 24 -16.58 1.84 22.98
N ARG B 25 -17.26 2.64 22.16
CA ARG B 25 -16.99 2.64 20.74
C ARG B 25 -16.01 3.73 20.30
N PHE B 26 -15.33 4.33 21.26
CA PHE B 26 -14.21 5.25 21.01
C PHE B 26 -12.96 4.72 21.75
N ALA B 27 -11.80 5.27 21.44
CA ALA B 27 -10.56 4.71 22.00
C ALA B 27 -10.31 5.11 23.45
N HIS B 28 -9.88 4.14 24.25
CA HIS B 28 -9.44 4.36 25.63
C HIS B 28 -7.93 4.17 25.65
N PRO B 29 -7.16 5.26 25.42
CA PRO B 29 -5.70 5.10 25.35
C PRO B 29 -5.10 4.77 26.70
N ALA B 30 -4.05 3.95 26.68
CA ALA B 30 -3.23 3.73 27.87
C ALA B 30 -2.47 5.01 28.23
N ASP B 31 -1.92 5.06 29.43
CA ASP B 31 -1.11 6.21 29.80
C ASP B 31 0.04 6.43 28.80
N SER B 32 0.63 5.32 28.33
CA SER B 32 1.78 5.42 27.41
C SER B 32 1.44 5.82 25.96
N THR B 33 0.16 5.72 25.60
CA THR B 33 -0.26 5.90 24.21
C THR B 33 -0.20 7.39 23.80
N MET B 34 0.53 7.70 22.73
CA MET B 34 0.56 9.09 22.24
C MET B 34 -0.82 9.56 21.79
N ILE B 35 -1.18 10.79 22.14
CA ILE B 35 -2.42 11.40 21.63
C ILE B 35 -2.05 12.67 20.87
N ASP B 36 -2.50 12.75 19.62
CA ASP B 36 -2.27 13.93 18.79
C ASP B 36 -3.30 14.97 19.17
N THR B 37 -2.84 16.04 19.82
CA THR B 37 -3.76 17.05 20.34
C THR B 37 -4.40 17.91 19.25
N ASN B 38 -3.87 17.82 18.03
CA ASN B 38 -4.45 18.56 16.90
C ASN B 38 -5.81 18.02 16.44
N ASP B 39 -6.05 16.73 16.65
CA ASP B 39 -7.33 16.13 16.28
C ASP B 39 -7.87 15.11 17.31
N ASN B 40 -7.23 15.07 18.49
CA ASN B 40 -7.55 14.14 19.57
C ASN B 40 -7.67 12.68 19.10
N THR B 41 -6.64 12.21 18.41
CA THR B 41 -6.61 10.84 17.94
C THR B 41 -5.38 10.11 18.48
N VAL B 42 -5.46 8.78 18.43
CA VAL B 42 -4.32 7.90 18.66
C VAL B 42 -3.98 7.23 17.34
N THR B 43 -2.72 6.83 17.21
CA THR B 43 -2.24 6.14 16.02
C THR B 43 -2.12 4.66 16.34
N VAL B 44 -2.72 3.83 15.50
CA VAL B 44 -2.78 2.40 15.70
C VAL B 44 -1.41 1.74 15.53
N CYS B 45 -1.12 0.81 16.44
CA CYS B 45 0.09 0.03 16.38
C CYS B 45 0.01 -1.03 15.28
N MET B 46 0.79 -0.85 14.21
CA MET B 46 0.78 -1.84 13.13
C MET B 46 1.26 -3.23 13.54
N ASP B 47 2.31 -3.30 14.36
CA ASP B 47 2.73 -4.61 14.92
C ASP B 47 1.54 -5.32 15.55
N TYR B 48 0.78 -4.60 16.38
CA TYR B 48 -0.36 -5.20 17.07
C TYR B 48 -1.40 -5.72 16.07
N ILE B 49 -1.77 -4.88 15.10
CA ILE B 49 -2.76 -5.27 14.08
C ILE B 49 -2.31 -6.50 13.29
N LYS B 50 -1.01 -6.55 13.01
CA LYS B 50 -0.40 -7.66 12.28
C LYS B 50 -0.25 -8.94 13.13
N GLY B 51 -0.54 -8.83 14.42
CA GLY B 51 -0.71 -10.02 15.25
C GLY B 51 0.07 -10.10 16.53
N ARG B 52 1.03 -9.20 16.72
CA ARG B 52 1.87 -9.25 17.92
C ARG B 52 2.59 -7.94 18.19
N CYS B 53 2.33 -7.37 19.36
CA CYS B 53 3.19 -6.34 19.94
C CYS B 53 3.46 -6.71 21.39
N SER B 54 4.71 -6.99 21.70
CA SER B 54 5.11 -7.41 23.05
C SER B 54 5.43 -6.25 23.98
N ARG B 55 5.32 -5.03 23.47
CA ARG B 55 5.70 -3.85 24.22
C ARG B 55 4.61 -3.41 25.19
N GLU B 56 4.93 -3.49 26.48
CA GLU B 56 3.96 -3.23 27.54
C GLU B 56 3.57 -1.76 27.70
N LYS B 57 4.40 -0.84 27.22
CA LYS B 57 4.10 0.60 27.26
C LYS B 57 4.30 1.20 25.87
N CYS B 58 3.62 0.60 24.89
CA CYS B 58 3.74 0.99 23.49
C CYS B 58 3.23 2.41 23.30
N LYS B 59 3.87 3.16 22.43
CA LYS B 59 3.43 4.53 22.15
C LYS B 59 2.28 4.58 21.18
N TYR B 60 2.01 3.46 20.52
CA TYR B 60 0.89 3.33 19.58
C TYR B 60 -0.26 2.56 20.22
N PHE B 61 -1.46 2.72 19.67
CA PHE B 61 -2.65 2.21 20.30
C PHE B 61 -2.91 0.75 19.88
N HIS B 62 -3.31 -0.06 20.86
CA HIS B 62 -3.66 -1.45 20.63
C HIS B 62 -5.19 -1.58 20.70
N PRO B 63 -5.85 -1.48 19.54
CA PRO B 63 -7.33 -1.39 19.58
C PRO B 63 -8.05 -2.69 19.93
N PRO B 64 -9.09 -2.60 20.78
CA PRO B 64 -10.00 -3.75 20.86
C PRO B 64 -10.53 -4.09 19.47
N ALA B 65 -10.93 -5.34 19.26
CA ALA B 65 -11.36 -5.78 17.93
C ALA B 65 -12.43 -4.90 17.26
N HIS B 66 -13.41 -4.44 18.03
CA HIS B 66 -14.52 -3.67 17.46
C HIS B 66 -14.11 -2.29 16.96
N LEU B 67 -12.91 -1.84 17.35
CA LEU B 67 -12.41 -0.54 16.90
C LEU B 67 -11.46 -0.64 15.72
N GLN B 68 -11.11 -1.87 15.33
CA GLN B 68 -10.19 -2.11 14.21
C GLN B 68 -10.90 -1.97 12.86
N ASP C 4 12.71 4.86 -18.82
CA ASP C 4 12.66 3.47 -18.29
C ASP C 4 12.31 2.52 -19.42
N ARG C 5 13.09 1.44 -19.53
CA ARG C 5 12.97 0.48 -20.63
C ARG C 5 12.96 -0.95 -20.10
N LEU C 6 12.17 -1.80 -20.72
CA LEU C 6 12.10 -3.21 -20.36
C LEU C 6 12.36 -4.07 -21.60
N GLU C 7 13.13 -5.13 -21.41
CA GLU C 7 13.43 -6.06 -22.51
C GLU C 7 12.19 -6.89 -22.88
N VAL C 8 11.93 -6.99 -24.19
CA VAL C 8 10.81 -7.78 -24.70
C VAL C 8 11.10 -9.28 -24.67
N CYS C 9 10.12 -10.05 -24.22
CA CYS C 9 10.20 -11.51 -24.28
C CYS C 9 10.43 -12.01 -25.70
N ARG C 10 11.51 -12.77 -25.90
CA ARG C 10 11.85 -13.16 -27.26
C ARG C 10 10.91 -14.22 -27.87
N GLU C 11 10.35 -15.08 -27.02
CA GLU C 11 9.41 -16.10 -27.47
C GLU C 11 8.06 -15.47 -27.81
N TYR C 12 7.58 -14.59 -26.94
CA TYR C 12 6.39 -13.80 -27.23
C TYR C 12 6.50 -13.08 -28.59
N GLN C 13 7.65 -12.45 -28.81
CA GLN C 13 7.89 -11.68 -30.03
C GLN C 13 7.88 -12.57 -31.27
N ARG C 14 8.40 -13.79 -31.11
CA ARG C 14 8.41 -14.81 -32.19
C ARG C 14 7.01 -15.39 -32.39
N GLY C 15 6.05 -14.95 -31.58
CA GLY C 15 4.63 -15.31 -31.77
C GLY C 15 4.05 -16.33 -30.81
N ASN C 16 4.86 -16.84 -29.88
CA ASN C 16 4.37 -17.83 -28.90
C ASN C 16 5.26 -17.91 -27.67
N CYS C 17 4.79 -17.31 -26.57
CA CYS C 17 5.39 -17.50 -25.23
C CYS C 17 4.50 -18.42 -24.41
N ASN C 18 5.09 -19.55 -23.99
CA ASN C 18 4.36 -20.57 -23.25
C ASN C 18 4.16 -20.22 -21.77
N ARG C 19 4.91 -19.24 -21.27
CA ARG C 19 4.83 -18.85 -19.85
C ARG C 19 3.59 -18.01 -19.58
N GLY C 20 3.25 -17.15 -20.53
CA GLY C 20 2.17 -16.18 -20.38
C GLY C 20 2.68 -14.93 -19.67
N GLU C 21 1.97 -13.82 -19.86
CA GLU C 21 2.42 -12.50 -19.38
C GLU C 21 2.56 -12.41 -17.86
N ASN C 22 1.64 -13.05 -17.16
CA ASN C 22 1.60 -12.97 -15.71
C ASN C 22 2.87 -13.53 -15.07
N ASP C 23 3.42 -14.57 -15.67
CA ASP C 23 4.54 -15.31 -15.09
C ASP C 23 5.87 -15.03 -15.77
N CYS C 24 5.82 -14.46 -16.96
CA CYS C 24 7.04 -14.19 -17.72
C CYS C 24 7.85 -13.05 -17.10
N ARG C 25 9.18 -13.19 -17.10
CA ARG C 25 10.06 -12.19 -16.51
C ARG C 25 10.44 -11.08 -17.50
N PHE C 26 9.87 -11.15 -18.69
CA PHE C 26 10.16 -10.17 -19.74
C PHE C 26 8.86 -9.56 -20.25
N ALA C 27 8.97 -8.48 -21.02
CA ALA C 27 7.78 -7.72 -21.43
C ALA C 27 7.03 -8.36 -22.59
N HIS C 28 5.70 -8.29 -22.51
CA HIS C 28 4.79 -8.70 -23.58
C HIS C 28 4.01 -7.47 -24.06
N PRO C 29 4.67 -6.55 -24.78
CA PRO C 29 3.98 -5.34 -25.24
C PRO C 29 3.00 -5.62 -26.35
N ALA C 30 1.97 -4.77 -26.48
CA ALA C 30 1.09 -4.81 -27.65
C ALA C 30 1.92 -4.62 -28.91
N ASP C 31 1.50 -5.24 -30.02
CA ASP C 31 2.23 -5.14 -31.25
C ASP C 31 2.32 -3.70 -31.79
N SER C 32 1.40 -2.84 -31.37
CA SER C 32 1.42 -1.45 -31.85
C SER C 32 2.37 -0.56 -31.06
N THR C 33 2.91 -1.08 -29.97
CA THR C 33 3.90 -0.34 -29.17
C THR C 33 5.28 -0.57 -29.79
N MET C 34 5.97 0.52 -30.10
CA MET C 34 7.22 0.43 -30.85
C MET C 34 8.37 -0.15 -30.02
N ILE C 35 9.08 -1.12 -30.60
CA ILE C 35 10.26 -1.75 -29.97
C ILE C 35 11.54 -1.13 -30.52
N ASP C 36 12.43 -0.69 -29.63
CA ASP C 36 13.76 -0.20 -30.02
C ASP C 36 14.62 -1.39 -30.47
N THR C 37 14.99 -1.39 -31.74
CA THR C 37 15.74 -2.48 -32.38
C THR C 37 17.17 -2.67 -31.85
N ASN C 38 17.73 -1.62 -31.24
CA ASN C 38 19.09 -1.67 -30.67
C ASN C 38 19.24 -2.69 -29.56
N ASP C 39 18.34 -2.63 -28.57
CA ASP C 39 18.43 -3.50 -27.40
C ASP C 39 17.15 -4.33 -27.14
N ASN C 40 16.23 -4.30 -28.10
CA ASN C 40 14.98 -5.07 -28.02
C ASN C 40 14.14 -4.72 -26.79
N THR C 41 13.99 -3.42 -26.56
CA THR C 41 13.25 -2.90 -25.41
C THR C 41 12.06 -2.06 -25.82
N VAL C 42 11.12 -1.91 -24.89
CA VAL C 42 10.02 -0.97 -25.03
C VAL C 42 10.19 0.09 -23.94
N THR C 43 9.72 1.30 -24.24
CA THR C 43 9.76 2.41 -23.31
C THR C 43 8.48 2.40 -22.47
N VAL C 44 8.63 2.56 -21.17
CA VAL C 44 7.51 2.44 -20.26
C VAL C 44 6.72 3.76 -20.20
N CYS C 45 5.41 3.64 -20.00
CA CYS C 45 4.56 4.80 -19.74
C CYS C 45 4.84 5.23 -18.31
N MET C 46 5.51 6.38 -18.13
CA MET C 46 5.85 6.86 -16.79
C MET C 46 4.63 7.28 -15.99
N ASP C 47 3.62 7.83 -16.66
CA ASP C 47 2.35 8.11 -15.96
C ASP C 47 1.78 6.84 -15.32
N TYR C 48 1.81 5.73 -16.06
CA TYR C 48 1.26 4.48 -15.56
C TYR C 48 1.97 3.98 -14.30
N ILE C 49 3.29 4.14 -14.27
CA ILE C 49 4.11 3.78 -13.10
C ILE C 49 3.58 4.48 -11.85
N LYS C 50 2.99 5.67 -12.04
CA LYS C 50 2.54 6.51 -10.93
C LYS C 50 1.03 6.47 -10.80
N GLY C 51 0.38 5.62 -11.58
CA GLY C 51 -1.08 5.49 -11.51
C GLY C 51 -1.83 6.65 -12.11
N ARG C 52 -1.17 7.38 -13.00
CA ARG C 52 -1.76 8.61 -13.56
C ARG C 52 -2.01 8.57 -15.07
N CYS C 53 -2.02 7.38 -15.66
CA CYS C 53 -2.34 7.28 -17.08
C CYS C 53 -3.83 7.07 -17.31
N SER C 54 -4.49 8.07 -17.89
CA SER C 54 -5.90 7.97 -18.21
C SER C 54 -6.12 7.98 -19.74
N ARG C 55 -5.06 7.77 -20.51
CA ARG C 55 -5.15 7.78 -21.97
C ARG C 55 -5.60 6.45 -22.56
N GLU C 56 -6.69 6.49 -23.34
CA GLU C 56 -7.15 5.30 -24.07
C GLU C 56 -6.20 5.01 -25.22
N LYS C 57 -5.95 3.73 -25.49
CA LYS C 57 -5.03 3.32 -26.57
C LYS C 57 -3.62 3.86 -26.37
N CYS C 58 -3.23 4.08 -25.11
CA CYS C 58 -1.88 4.51 -24.80
C CYS C 58 -0.87 3.64 -25.54
N LYS C 59 0.03 4.29 -26.26
CA LYS C 59 0.98 3.59 -27.12
C LYS C 59 2.27 3.25 -26.39
N TYR C 60 2.32 3.59 -25.10
CA TYR C 60 3.49 3.28 -24.26
C TYR C 60 3.21 2.12 -23.32
N PHE C 61 4.23 1.30 -23.08
CA PHE C 61 4.04 0.05 -22.37
C PHE C 61 3.61 0.24 -20.91
N HIS C 62 2.53 -0.45 -20.54
CA HIS C 62 2.07 -0.48 -19.15
C HIS C 62 2.57 -1.75 -18.49
N PRO C 63 3.70 -1.67 -17.78
CA PRO C 63 4.29 -2.92 -17.29
C PRO C 63 3.51 -3.53 -16.11
N PRO C 64 3.33 -4.87 -16.14
CA PRO C 64 2.80 -5.56 -14.96
C PRO C 64 3.61 -5.24 -13.71
N ALA C 65 2.97 -5.34 -12.55
CA ALA C 65 3.62 -5.04 -11.29
C ALA C 65 4.90 -5.86 -11.10
N HIS C 66 4.87 -7.12 -11.52
CA HIS C 66 6.01 -8.01 -11.29
C HIS C 66 7.25 -7.62 -12.11
N LEU C 67 7.03 -6.86 -13.18
CA LEU C 67 8.12 -6.36 -14.01
C LEU C 67 8.72 -5.06 -13.47
N GLN C 68 7.90 -4.26 -12.81
CA GLN C 68 8.34 -2.97 -12.28
C GLN C 68 9.20 -3.12 -11.05
N ALA C 69 8.95 -4.18 -10.29
CA ALA C 69 9.68 -4.45 -9.06
C ALA C 69 10.96 -5.22 -9.33
N SER D 1 -6.00 3.13 -18.71
CA SER D 1 -6.44 3.95 -19.86
C SER D 1 -7.92 4.33 -19.82
N ARG D 2 -8.73 3.56 -19.08
CA ARG D 2 -10.19 3.70 -19.09
C ARG D 2 -10.85 2.85 -18.00
N THR D 3 -10.94 1.54 -18.25
CA THR D 3 -11.69 0.65 -17.36
C THR D 3 -10.85 0.19 -16.18
N ASP D 4 -9.56 0.53 -16.20
CA ASP D 4 -8.66 0.12 -15.12
C ASP D 4 -8.50 1.17 -14.04
N ARG D 5 -9.33 2.21 -14.06
CA ARG D 5 -9.22 3.27 -13.07
C ARG D 5 -10.54 3.35 -12.30
N LEU D 6 -10.52 2.93 -11.03
CA LEU D 6 -11.73 2.75 -10.25
C LEU D 6 -11.89 3.83 -9.20
N GLU D 7 -13.13 4.25 -8.97
CA GLU D 7 -13.40 5.32 -8.02
C GLU D 7 -13.26 4.88 -6.57
N VAL D 8 -12.63 5.72 -5.76
CA VAL D 8 -12.39 5.45 -4.36
C VAL D 8 -13.58 5.88 -3.52
N CYS D 9 -13.85 5.10 -2.48
CA CYS D 9 -14.89 5.39 -1.52
C CYS D 9 -14.56 6.66 -0.75
N ARG D 10 -15.26 7.74 -1.10
CA ARG D 10 -15.04 9.05 -0.49
C ARG D 10 -15.49 9.05 0.96
N GLU D 11 -16.50 8.24 1.28
CA GLU D 11 -16.95 8.08 2.66
C GLU D 11 -15.88 7.35 3.48
N TYR D 12 -15.21 6.39 2.85
CA TYR D 12 -14.11 5.65 3.47
C TYR D 12 -12.87 6.54 3.64
N GLN D 13 -12.79 7.61 2.86
CA GLN D 13 -11.68 8.57 2.96
C GLN D 13 -11.77 9.49 4.19
N ARG D 14 -12.94 9.49 4.85
CA ARG D 14 -13.04 10.10 6.17
C ARG D 14 -13.25 9.06 7.27
N GLY D 15 -12.39 8.02 7.24
CA GLY D 15 -12.42 6.88 8.17
C GLY D 15 -13.73 6.63 8.90
N ASN D 16 -14.77 6.28 8.14
CA ASN D 16 -16.13 6.16 8.69
C ASN D 16 -17.10 5.33 7.81
N CYS D 17 -16.59 4.60 6.81
CA CYS D 17 -17.49 3.80 5.96
C CYS D 17 -18.25 2.74 6.76
N ARG D 19 -19.33 -0.35 6.07
CA ARG D 19 -19.20 -1.40 5.06
C ARG D 19 -17.74 -1.86 4.97
N GLY D 20 -17.53 -3.19 5.00
CA GLY D 20 -16.24 -3.79 4.64
C GLY D 20 -16.15 -3.81 3.13
N GLU D 21 -15.01 -4.22 2.57
CA GLU D 21 -14.81 -4.16 1.11
C GLU D 21 -15.91 -4.86 0.30
N ASN D 22 -16.38 -6.00 0.81
CA ASN D 22 -17.42 -6.77 0.13
C ASN D 22 -18.79 -6.08 0.11
N ASP D 23 -19.01 -5.20 1.10
CA ASP D 23 -20.29 -4.51 1.27
C ASP D 23 -20.24 -3.04 0.88
N CYS D 24 -19.17 -2.60 0.21
CA CYS D 24 -19.14 -1.25 -0.33
C CYS D 24 -19.03 -1.22 -1.85
N ARG D 25 -19.77 -0.30 -2.46
CA ARG D 25 -19.83 -0.17 -3.91
C ARG D 25 -18.70 0.67 -4.51
N PHE D 26 -17.83 1.20 -3.64
CA PHE D 26 -16.64 1.94 -4.08
C PHE D 26 -15.38 1.27 -3.55
N ALA D 27 -14.23 1.65 -4.10
CA ALA D 27 -12.98 1.00 -3.75
C ALA D 27 -12.46 1.42 -2.37
N HIS D 28 -12.00 0.42 -1.63
CA HIS D 28 -11.30 0.61 -0.36
C HIS D 28 -9.82 0.28 -0.58
N PRO D 29 -8.99 1.30 -0.91
CA PRO D 29 -7.58 1.02 -1.20
C PRO D 29 -6.82 0.49 0.00
N ALA D 30 -5.84 -0.38 -0.25
CA ALA D 30 -4.90 -0.78 0.79
C ALA D 30 -3.98 0.39 1.10
N ASP D 31 -3.28 0.30 2.21
CA ASP D 31 -2.35 1.37 2.54
C ASP D 31 -1.35 1.59 1.41
N SER D 32 -0.91 0.50 0.78
CA SER D 32 0.12 0.59 -0.26
C SER D 32 -0.40 1.11 -1.60
N THR D 33 -1.72 1.10 -1.78
CA THR D 33 -2.34 1.39 -3.10
C THR D 33 -2.23 2.88 -3.40
N MET D 34 -1.69 3.22 -4.58
CA MET D 34 -1.61 4.65 -4.96
C MET D 34 -2.99 5.20 -5.31
N ILE D 35 -3.22 6.47 -4.98
CA ILE D 35 -4.46 7.15 -5.37
C ILE D 35 -4.11 8.37 -6.22
N ASP D 36 -4.74 8.45 -7.39
CA ASP D 36 -4.55 9.61 -8.27
C ASP D 36 -5.49 10.69 -7.79
N THR D 37 -4.92 11.75 -7.21
CA THR D 37 -5.69 12.83 -6.59
C THR D 37 -6.43 13.72 -7.61
N ASN D 38 -6.09 13.57 -8.90
CA ASN D 38 -6.77 14.33 -9.95
C ASN D 38 -8.23 13.91 -10.15
N ASP D 39 -8.48 12.62 -10.00
CA ASP D 39 -9.83 12.09 -10.18
C ASP D 39 -10.29 11.13 -9.08
N ASN D 40 -9.48 11.00 -8.02
CA ASN D 40 -9.81 10.13 -6.89
C ASN D 40 -9.98 8.67 -7.32
N THR D 41 -9.05 8.17 -8.14
CA THR D 41 -9.10 6.79 -8.60
C THR D 41 -7.86 6.01 -8.15
N VAL D 42 -8.01 4.70 -8.16
CA VAL D 42 -6.89 3.76 -8.04
C VAL D 42 -6.77 3.02 -9.37
N THR D 43 -5.57 2.56 -9.69
CA THR D 43 -5.32 1.85 -10.93
C THR D 43 -5.27 0.37 -10.64
N VAL D 44 -6.02 -0.40 -11.41
CA VAL D 44 -6.15 -1.83 -11.19
C VAL D 44 -4.86 -2.59 -11.52
N CYS D 45 -4.50 -3.51 -10.65
CA CYS D 45 -3.38 -4.40 -10.89
C CYS D 45 -3.70 -5.45 -11.95
N MET D 46 -3.06 -5.35 -13.11
CA MET D 46 -3.29 -6.30 -14.17
C MET D 46 -2.89 -7.72 -13.80
N ASP D 47 -1.78 -7.88 -13.09
CA ASP D 47 -1.34 -9.18 -12.64
C ASP D 47 -2.42 -9.83 -11.79
N TYR D 48 -2.99 -9.07 -10.88
CA TYR D 48 -4.02 -9.61 -10.01
C TYR D 48 -5.25 -10.05 -10.81
N ILE D 49 -5.70 -9.22 -11.75
CA ILE D 49 -6.86 -9.56 -12.59
C ILE D 49 -6.60 -10.82 -13.41
N LYS D 50 -5.36 -10.95 -13.90
CA LYS D 50 -4.96 -12.11 -14.71
C LYS D 50 -4.73 -13.35 -13.86
N GLY D 51 -4.82 -13.22 -12.54
CA GLY D 51 -4.86 -14.41 -11.69
C GLY D 51 -3.84 -14.54 -10.57
N ARG D 52 -2.80 -13.70 -10.59
CA ARG D 52 -1.77 -13.75 -9.55
C ARG D 52 -0.90 -12.52 -9.54
N CYS D 53 -0.89 -11.83 -8.41
CA CYS D 53 0.08 -10.78 -8.17
C CYS D 53 0.97 -11.24 -7.02
N SER D 54 2.27 -11.18 -7.26
CA SER D 54 3.28 -11.67 -6.32
C SER D 54 3.77 -10.57 -5.38
N ARG D 55 3.12 -9.42 -5.39
CA ARG D 55 3.54 -8.28 -4.58
C ARG D 55 2.76 -8.21 -3.27
N GLU D 56 3.48 -8.27 -2.16
CA GLU D 56 2.85 -8.24 -0.85
C GLU D 56 2.17 -6.88 -0.57
N LYS D 57 2.82 -5.80 -1.01
CA LYS D 57 2.33 -4.46 -0.74
C LYS D 57 2.29 -3.69 -2.07
N CYS D 58 1.35 -4.09 -2.91
CA CYS D 58 1.28 -3.64 -4.29
C CYS D 58 0.82 -2.20 -4.37
N LYS D 59 1.40 -1.47 -5.31
CA LYS D 59 0.98 -0.08 -5.49
C LYS D 59 -0.29 0.03 -6.32
N TYR D 60 -0.68 -1.07 -6.99
CA TYR D 60 -1.91 -1.16 -7.78
C TYR D 60 -3.04 -1.83 -6.98
N PHE D 61 -4.28 -1.53 -7.33
CA PHE D 61 -5.43 -2.01 -6.59
C PHE D 61 -5.78 -3.45 -6.98
N HIS D 62 -6.04 -4.28 -5.96
CA HIS D 62 -6.54 -5.64 -6.16
C HIS D 62 -8.05 -5.65 -5.90
N PRO D 63 -8.88 -5.43 -6.94
CA PRO D 63 -10.31 -5.18 -6.67
C PRO D 63 -11.10 -6.40 -6.26
N PRO D 64 -12.04 -6.24 -5.30
CA PRO D 64 -13.04 -7.29 -5.11
C PRO D 64 -13.82 -7.50 -6.42
N ALA D 65 -14.34 -8.70 -6.64
CA ALA D 65 -15.00 -9.04 -7.90
C ALA D 65 -16.09 -8.05 -8.32
N HIS D 66 -16.86 -7.56 -7.34
CA HIS D 66 -18.02 -6.72 -7.63
C HIS D 66 -17.64 -5.31 -8.10
N LEU D 67 -16.35 -4.95 -7.98
CA LEU D 67 -15.83 -3.68 -8.47
C LEU D 67 -15.08 -3.79 -9.78
N GLN D 68 -14.87 -5.01 -10.25
CA GLN D 68 -14.04 -5.24 -11.44
C GLN D 68 -14.75 -4.86 -12.73
N ALA D 69 -13.95 -4.49 -13.74
CA ALA D 69 -14.46 -4.23 -15.09
C ALA D 69 -14.97 -5.53 -15.70
N LYS D 70 -16.12 -5.44 -16.36
CA LYS D 70 -16.74 -6.57 -17.02
C LYS D 70 -16.06 -6.83 -18.37
ZN ZN E . 12.73 -9.16 6.53
ZN ZN F . 3.79 9.70 7.08
ZN ZN G . -15.34 5.65 26.55
ZN ZN H . 2.32 -1.72 20.09
ZN ZN I . 7.10 -14.27 -22.30
ZN ZN J . -0.07 5.06 -20.52
ZN ZN K . -16.91 2.40 1.47
ZN ZN L . -0.74 -6.22 -7.54
#